data_6W6F
#
_entry.id   6W6F
#
_cell.length_a   60.204
_cell.length_b   96.504
_cell.length_c   150.019
_cell.angle_alpha   90.000
_cell.angle_beta   90.000
_cell.angle_gamma   90.000
#
_symmetry.space_group_name_H-M   'P 21 21 21'
#
loop_
_entity.id
_entity.type
_entity.pdbx_description
1 polymer 'Probable dimethyladenosine transferase'
2 water water
#
_entity_poly.entity_id   1
_entity_poly.type   'polypeptide(L)'
_entity_poly.pdbx_seq_one_letter_code
;MPKVKSGAIGRRRGRQEQRRELKSAGGLMFNTGIGQHILKNPLIINSIIDKAALRPTDVVLEVGPGTGNMTVKLLEKAKK
VVACELDPRLVAELHKRVQGTPVASKLQVLVGDVLKTDLPFFDTCVANLPYQISSPFVFKLLLHRPFFRCAILMFQREFA
LRLVAKPGDKLYCRLSINTQLLARVDHLMKVGKNNFRPPPKVESSVVRIEPKNPPPPINFQEWDGLVRITFVRKNKTLSA
AFKSSAVQQLLEKNYRIHCSVHNIIIPEDFSIADKIQQILTSTGFSDKRARSMDIDDFIRLLHGFNAEGIHFS
;
_entity_poly.pdbx_strand_id   A,B
#
# COMPACT_ATOMS: atom_id res chain seq x y z
N GLN A 36 -16.21 22.60 29.06
CA GLN A 36 -15.26 21.53 28.78
C GLN A 36 -14.43 21.22 30.01
N HIS A 37 -13.76 20.08 29.98
CA HIS A 37 -13.00 19.56 31.12
C HIS A 37 -11.59 20.14 31.11
N ILE A 38 -11.35 21.15 31.97
CA ILE A 38 -10.03 21.77 32.05
C ILE A 38 -9.11 20.89 32.88
N LEU A 39 -7.84 20.84 32.49
CA LEU A 39 -6.83 20.04 33.20
C LEU A 39 -6.14 20.90 34.24
N LYS A 40 -6.39 20.61 35.52
CA LYS A 40 -5.86 21.40 36.64
C LYS A 40 -4.48 20.93 37.08
N ASN A 41 -4.28 19.61 37.27
CA ASN A 41 -3.06 19.01 37.81
C ASN A 41 -1.77 19.47 37.13
N PRO A 42 -1.01 20.34 37.79
CA PRO A 42 0.33 20.68 37.25
C PRO A 42 1.19 19.46 37.08
N LEU A 43 1.01 18.46 37.94
CA LEU A 43 1.78 17.25 37.83
C LEU A 43 1.59 16.60 36.47
N ILE A 44 0.34 16.55 36.02
CA ILE A 44 0.03 15.88 34.76
C ILE A 44 0.43 16.73 33.57
N ILE A 45 0.22 18.04 33.66
CA ILE A 45 0.57 18.93 32.56
C ILE A 45 2.07 18.87 32.30
N ASN A 46 2.84 18.99 33.38
CA ASN A 46 4.29 18.95 33.25
C ASN A 46 4.74 17.62 32.64
N SER A 47 4.02 16.55 32.95
CA SER A 47 4.38 15.24 32.42
C SER A 47 4.03 15.11 30.94
N ILE A 48 2.92 15.70 30.51
CA ILE A 48 2.56 15.73 29.09
C ILE A 48 3.60 16.50 28.28
N ILE A 49 4.08 17.61 28.84
CA ILE A 49 4.97 18.48 28.08
C ILE A 49 6.34 17.85 27.88
N ASP A 50 6.82 17.00 28.81
CA ASP A 50 8.08 16.32 28.52
C ASP A 50 7.90 15.18 27.55
N LYS A 51 6.79 14.44 27.67
CA LYS A 51 6.47 13.42 26.68
C LYS A 51 6.44 14.02 25.27
N ALA A 52 5.96 15.27 25.15
CA ALA A 52 6.02 15.98 23.88
C ALA A 52 7.45 16.15 23.40
N ALA A 53 8.38 16.37 24.33
CA ALA A 53 9.80 16.58 24.05
C ALA A 53 9.99 17.74 23.08
N LEU A 54 9.64 18.92 23.56
CA LEU A 54 9.64 20.10 22.71
C LEU A 54 11.05 20.56 22.40
N ARG A 55 11.33 20.72 21.15
CA ARG A 55 12.54 21.45 20.82
C ARG A 55 12.23 22.95 20.71
N PRO A 56 13.18 23.82 21.06
CA PRO A 56 12.93 25.26 21.05
C PRO A 56 12.82 25.89 19.66
N THR A 57 12.72 25.08 18.60
CA THR A 57 12.52 25.56 17.24
C THR A 57 11.19 25.12 16.66
N ASP A 58 10.29 24.62 17.49
CA ASP A 58 9.11 23.89 17.05
C ASP A 58 7.90 24.82 17.06
N VAL A 59 7.07 24.71 16.03
CA VAL A 59 5.70 25.19 16.15
C VAL A 59 4.88 24.10 16.84
N VAL A 60 4.10 24.49 17.84
CA VAL A 60 3.31 23.54 18.60
C VAL A 60 1.84 23.89 18.37
N LEU A 61 1.08 22.91 17.90
CA LEU A 61 -0.37 23.02 17.82
C LEU A 61 -0.99 22.54 19.13
N GLU A 62 -1.75 23.41 19.78
CA GLU A 62 -2.50 23.03 20.96
C GLU A 62 -3.98 23.12 20.65
N VAL A 63 -4.67 21.99 20.74
CA VAL A 63 -6.10 21.93 20.53
C VAL A 63 -6.78 21.83 21.89
N GLY A 64 -7.53 22.85 22.25
CA GLY A 64 -8.26 22.88 23.49
C GLY A 64 -7.50 23.53 24.63
N PRO A 65 -7.05 24.78 24.42
CA PRO A 65 -6.21 25.42 25.44
C PRO A 65 -6.97 25.86 26.67
N GLY A 66 -8.30 25.88 26.61
CA GLY A 66 -9.13 26.24 27.74
C GLY A 66 -8.71 27.56 28.34
N THR A 67 -8.34 27.54 29.62
CA THR A 67 -7.89 28.74 30.32
C THR A 67 -6.41 29.03 30.11
N GLY A 68 -5.69 28.14 29.45
CA GLY A 68 -4.30 28.39 29.10
C GLY A 68 -3.27 27.70 29.98
N ASN A 69 -3.70 26.77 30.82
CA ASN A 69 -2.79 26.17 31.79
C ASN A 69 -1.62 25.51 31.11
N MET A 70 -1.88 24.68 30.10
CA MET A 70 -0.77 24.12 29.36
C MET A 70 -0.24 25.09 28.32
N THR A 71 -1.03 26.07 27.91
CA THR A 71 -0.56 27.00 26.90
C THR A 71 0.63 27.79 27.41
N VAL A 72 0.52 28.34 28.63
CA VAL A 72 1.57 29.20 29.18
C VAL A 72 2.88 28.42 29.33
N LYS A 73 2.80 27.14 29.69
CA LYS A 73 4.02 26.36 29.81
C LYS A 73 4.59 26.01 28.44
N LEU A 74 3.74 25.78 27.44
CA LEU A 74 4.22 25.52 26.09
C LEU A 74 4.93 26.74 25.53
N LEU A 75 4.42 27.94 25.80
CA LEU A 75 5.01 29.15 25.26
C LEU A 75 6.41 29.41 25.79
N GLU A 76 6.75 28.85 26.96
CA GLU A 76 8.10 29.03 27.47
C GLU A 76 9.13 28.22 26.67
N LYS A 77 8.69 27.27 25.86
CA LYS A 77 9.57 26.26 25.30
C LYS A 77 9.43 26.10 23.80
N ALA A 78 8.56 26.86 23.15
CA ALA A 78 8.32 26.72 21.72
C ALA A 78 8.65 28.01 20.97
N LYS A 79 8.79 27.89 19.65
CA LYS A 79 9.03 29.04 18.79
C LYS A 79 7.72 29.76 18.46
N LYS A 80 6.62 29.00 18.38
CA LYS A 80 5.29 29.51 18.11
C LYS A 80 4.31 28.54 18.75
N VAL A 81 3.13 29.01 19.12
CA VAL A 81 2.11 28.11 19.66
C VAL A 81 0.78 28.46 19.00
N VAL A 82 0.29 27.58 18.13
CA VAL A 82 -1.00 27.72 17.46
C VAL A 82 -2.05 27.01 18.29
N ALA A 83 -2.96 27.78 18.89
CA ALA A 83 -3.96 27.24 19.82
C ALA A 83 -5.33 27.23 19.16
N CYS A 84 -5.90 26.04 18.95
CA CYS A 84 -7.23 25.90 18.37
C CYS A 84 -8.21 25.90 19.52
N GLU A 85 -8.77 27.08 19.78
CA GLU A 85 -9.77 27.25 20.83
C GLU A 85 -11.01 26.42 20.53
N LEU A 86 -11.49 25.72 21.53
CA LEU A 86 -12.76 25.01 21.42
C LEU A 86 -13.93 25.85 21.94
N ASP A 87 -13.72 26.64 22.99
CA ASP A 87 -14.75 27.53 23.55
C ASP A 87 -14.38 28.96 23.24
N PRO A 88 -15.16 29.67 22.42
CA PRO A 88 -14.83 31.07 22.11
C PRO A 88 -14.82 32.00 23.31
N ARG A 89 -15.61 31.70 24.35
CA ARG A 89 -15.68 32.61 25.51
C ARG A 89 -14.35 32.67 26.25
N LEU A 90 -13.63 31.55 26.32
CA LEU A 90 -12.33 31.48 26.98
C LEU A 90 -11.24 32.32 26.32
N VAL A 91 -11.46 32.81 25.10
CA VAL A 91 -10.38 33.38 24.33
C VAL A 91 -9.98 34.75 24.88
N ALA A 92 -10.96 35.51 25.38
CA ALA A 92 -10.63 36.80 25.98
C ALA A 92 -9.57 36.66 27.07
N GLU A 93 -9.90 35.94 28.15
CA GLU A 93 -8.99 35.82 29.29
C GLU A 93 -7.70 35.08 28.93
N LEU A 94 -7.76 34.13 28.00
CA LEU A 94 -6.56 33.44 27.57
C LEU A 94 -5.54 34.42 27.01
N HIS A 95 -5.93 35.22 26.03
CA HIS A 95 -5.04 36.23 25.49
C HIS A 95 -4.64 37.25 26.57
N LYS A 96 -5.56 37.54 27.51
CA LYS A 96 -5.22 38.47 28.58
C LYS A 96 -4.19 37.85 29.52
N ARG A 97 -4.30 36.54 29.78
CA ARG A 97 -3.33 35.88 30.65
C ARG A 97 -1.91 36.05 30.13
N VAL A 98 -1.67 35.69 28.87
CA VAL A 98 -0.34 35.85 28.28
C VAL A 98 0.04 37.30 28.02
N GLN A 99 -0.89 38.24 28.14
CA GLN A 99 -0.65 39.63 27.75
C GLN A 99 0.28 40.30 28.75
N GLY A 100 1.43 40.79 28.28
CA GLY A 100 2.39 41.45 29.12
C GLY A 100 3.68 40.68 29.34
N THR A 101 3.70 39.35 29.06
CA THR A 101 4.91 38.55 29.16
C THR A 101 5.68 38.62 27.85
N PRO A 102 6.98 38.30 27.85
CA PRO A 102 7.76 38.39 26.61
C PRO A 102 7.50 37.26 25.63
N VAL A 103 6.59 36.34 25.97
CA VAL A 103 6.21 35.23 25.11
C VAL A 103 4.95 35.50 24.31
N ALA A 104 4.27 36.64 24.54
CA ALA A 104 2.93 36.84 24.01
C ALA A 104 2.90 36.78 22.49
N SER A 105 3.95 37.29 21.84
CA SER A 105 3.99 37.41 20.38
C SER A 105 4.09 36.06 19.67
N LYS A 106 4.04 34.98 20.45
CA LYS A 106 4.09 33.62 19.93
C LYS A 106 2.76 32.87 20.01
N LEU A 107 1.72 33.48 20.57
CA LEU A 107 0.45 32.77 20.76
C LEU A 107 -0.56 33.23 19.70
N GLN A 108 -0.67 32.44 18.63
CA GLN A 108 -1.80 32.54 17.73
C GLN A 108 -2.96 31.68 18.23
N VAL A 109 -4.18 32.20 18.12
CA VAL A 109 -5.38 31.54 18.65
C VAL A 109 -6.44 31.51 17.57
N LEU A 110 -6.83 30.30 17.15
CA LEU A 110 -7.75 30.08 16.04
C LEU A 110 -9.13 29.73 16.58
N VAL A 111 -10.06 30.69 16.55
CA VAL A 111 -11.44 30.42 16.93
C VAL A 111 -12.18 29.92 15.71
N GLY A 112 -12.85 28.78 15.86
CA GLY A 112 -13.57 28.19 14.76
C GLY A 112 -13.89 26.74 15.10
N ASP A 113 -14.15 25.97 14.04
CA ASP A 113 -14.41 24.55 14.16
C ASP A 113 -13.16 23.84 13.69
N VAL A 114 -12.41 23.26 14.63
CA VAL A 114 -11.11 22.68 14.31
C VAL A 114 -11.25 21.59 13.25
N LEU A 115 -12.36 20.86 13.25
CA LEU A 115 -12.50 19.79 12.28
C LEU A 115 -12.52 20.34 10.85
N LYS A 116 -13.14 21.49 10.65
CA LYS A 116 -13.31 22.02 9.30
C LYS A 116 -12.19 22.97 8.89
N THR A 117 -11.49 23.56 9.85
CA THR A 117 -10.44 24.53 9.51
C THR A 117 -9.24 23.85 8.89
N ASP A 118 -8.60 24.55 7.95
CA ASP A 118 -7.33 24.09 7.41
C ASP A 118 -6.26 24.29 8.46
N LEU A 119 -5.36 23.36 8.55
CA LEU A 119 -4.45 23.50 9.67
C LEU A 119 -3.11 24.05 9.20
N PRO A 120 -2.45 24.83 10.05
CA PRO A 120 -1.12 25.34 9.72
C PRO A 120 -0.06 24.27 9.91
N PHE A 121 1.12 24.54 9.35
CA PHE A 121 2.26 23.68 9.64
C PHE A 121 2.54 23.77 11.13
N PHE A 122 2.61 22.61 11.78
CA PHE A 122 3.06 22.50 13.15
C PHE A 122 4.02 21.33 13.24
N ASP A 123 4.87 21.35 14.28
CA ASP A 123 5.89 20.33 14.49
C ASP A 123 5.44 19.24 15.45
N THR A 124 4.87 19.62 16.59
CA THR A 124 4.20 18.68 17.47
C THR A 124 2.85 19.23 17.85
N CYS A 125 2.05 18.38 18.47
CA CYS A 125 0.71 18.74 18.87
C CYS A 125 0.48 18.16 20.26
N VAL A 126 -0.02 18.99 21.19
CA VAL A 126 -0.58 18.48 22.43
C VAL A 126 -2.05 18.86 22.44
N ALA A 127 -2.87 18.06 23.09
CA ALA A 127 -4.31 18.29 22.94
C ALA A 127 -5.10 17.53 24.00
N ASN A 128 -6.13 18.19 24.51
CA ASN A 128 -7.10 17.57 25.42
C ASN A 128 -8.41 17.49 24.65
N LEU A 129 -8.84 16.26 24.34
CA LEU A 129 -9.95 16.22 23.40
C LEU A 129 -11.20 15.64 24.03
N PRO A 130 -12.37 16.21 23.74
CA PRO A 130 -13.63 15.56 24.14
C PRO A 130 -13.88 14.34 23.26
N TYR A 131 -14.62 13.36 23.79
CA TYR A 131 -14.87 12.17 22.99
C TYR A 131 -15.61 12.49 21.70
N GLN A 132 -16.44 13.54 21.71
CA GLN A 132 -17.30 13.83 20.58
C GLN A 132 -16.52 14.19 19.31
N ILE A 133 -15.27 14.62 19.42
CA ILE A 133 -14.45 14.85 18.25
C ILE A 133 -13.19 13.99 18.24
N SER A 134 -13.11 12.98 19.11
CA SER A 134 -11.85 12.25 19.27
C SER A 134 -11.52 11.41 18.04
N SER A 135 -12.46 10.59 17.55
CA SER A 135 -12.10 9.79 16.38
C SER A 135 -11.82 10.65 15.15
N PRO A 136 -12.71 11.59 14.72
CA PRO A 136 -12.39 12.41 13.54
C PRO A 136 -11.07 13.15 13.64
N PHE A 137 -10.73 13.72 14.79
CA PHE A 137 -9.52 14.54 14.89
C PHE A 137 -8.26 13.71 14.67
N VAL A 138 -8.28 12.45 15.09
CA VAL A 138 -7.11 11.58 14.93
C VAL A 138 -6.78 11.39 13.45
N PHE A 139 -7.80 11.26 12.61
CA PHE A 139 -7.55 11.09 11.19
C PHE A 139 -7.31 12.42 10.51
N LYS A 140 -7.90 13.52 11.01
CA LYS A 140 -7.51 14.83 10.53
C LYS A 140 -6.01 15.05 10.74
N LEU A 141 -5.47 14.58 11.87
CA LEU A 141 -4.03 14.63 12.10
C LEU A 141 -3.26 13.76 11.11
N LEU A 142 -3.68 12.50 10.94
CA LEU A 142 -2.89 11.55 10.19
C LEU A 142 -2.95 11.79 8.69
N LEU A 143 -4.00 12.43 8.21
CA LEU A 143 -4.07 12.79 6.80
C LEU A 143 -3.46 14.15 6.51
N HIS A 144 -2.97 14.84 7.54
CA HIS A 144 -2.51 16.22 7.41
C HIS A 144 -1.08 16.29 6.90
N ARG A 145 -0.87 17.18 5.93
CA ARG A 145 0.45 17.40 5.36
C ARG A 145 0.83 18.87 5.44
N PRO A 146 2.12 19.19 5.63
CA PRO A 146 3.29 18.35 5.85
C PRO A 146 3.16 17.54 7.14
N PHE A 147 3.82 16.40 7.17
CA PHE A 147 3.80 15.58 8.38
C PHE A 147 4.34 16.36 9.57
N PHE A 148 3.77 16.08 10.74
CA PHE A 148 4.32 16.52 12.01
C PHE A 148 5.19 15.41 12.58
N ARG A 149 5.84 15.71 13.70
CA ARG A 149 6.70 14.72 14.35
C ARG A 149 5.93 13.78 15.27
N CYS A 150 5.20 14.34 16.23
CA CYS A 150 4.39 13.49 17.09
C CYS A 150 3.31 14.36 17.69
N ALA A 151 2.28 13.69 18.20
CA ALA A 151 1.20 14.34 18.92
C ALA A 151 1.03 13.66 20.27
N ILE A 152 0.71 14.44 21.29
CA ILE A 152 0.51 13.92 22.62
C ILE A 152 -0.93 14.24 22.99
N LEU A 153 -1.79 13.24 22.91
CA LEU A 153 -3.22 13.50 22.94
C LEU A 153 -3.81 12.86 24.19
N MET A 154 -4.62 13.63 24.89
CA MET A 154 -5.39 13.15 26.02
C MET A 154 -6.74 12.63 25.51
N PHE A 155 -7.05 11.37 25.77
CA PHE A 155 -8.32 10.78 25.35
C PHE A 155 -9.00 10.12 26.55
N GLN A 156 -10.25 9.69 26.36
CA GLN A 156 -10.90 8.84 27.34
C GLN A 156 -10.22 7.48 27.43
N ARG A 157 -10.47 6.77 28.53
CA ARG A 157 -9.72 5.54 28.78
C ARG A 157 -9.98 4.52 27.68
N GLU A 158 -11.23 4.13 27.49
CA GLU A 158 -11.49 3.06 26.55
C GLU A 158 -11.03 3.44 25.14
N PHE A 159 -11.15 4.72 24.78
CA PHE A 159 -10.74 5.17 23.45
C PHE A 159 -9.26 4.93 23.19
N ALA A 160 -8.41 5.24 24.17
CA ALA A 160 -6.98 5.00 23.98
C ALA A 160 -6.67 3.51 23.84
N LEU A 161 -7.42 2.65 24.55
CA LEU A 161 -7.15 1.22 24.48
C LEU A 161 -7.56 0.63 23.14
N ARG A 162 -8.61 1.19 22.51
CA ARG A 162 -8.98 0.77 21.16
C ARG A 162 -7.91 1.17 20.15
N LEU A 163 -7.32 2.35 20.33
CA LEU A 163 -6.22 2.75 19.45
C LEU A 163 -5.11 1.71 19.48
N VAL A 164 -4.63 1.38 20.66
CA VAL A 164 -3.44 0.55 20.80
C VAL A 164 -3.80 -0.93 20.88
N ALA A 165 -4.98 -1.32 20.41
CA ALA A 165 -5.47 -2.69 20.53
C ALA A 165 -4.92 -3.55 19.40
N LYS A 166 -4.26 -4.65 19.75
CA LYS A 166 -3.72 -5.60 18.77
C LYS A 166 -4.79 -6.60 18.36
N PRO A 167 -4.60 -7.33 17.26
CA PRO A 167 -5.66 -8.21 16.78
C PRO A 167 -5.99 -9.31 17.78
N GLY A 168 -7.26 -9.71 17.77
CA GLY A 168 -7.77 -10.66 18.72
C GLY A 168 -8.13 -10.10 20.06
N ASP A 169 -7.62 -8.91 20.41
CA ASP A 169 -8.02 -8.29 21.67
C ASP A 169 -9.52 -8.07 21.69
N LYS A 170 -10.08 -7.96 22.89
CA LYS A 170 -11.51 -7.75 23.00
C LYS A 170 -11.93 -6.45 22.33
N LEU A 171 -11.05 -5.46 22.36
CA LEU A 171 -11.34 -4.10 21.91
C LEU A 171 -10.80 -3.77 20.52
N TYR A 172 -10.27 -4.76 19.78
CA TYR A 172 -9.80 -4.51 18.44
C TYR A 172 -10.96 -4.17 17.52
N CYS A 173 -10.84 -3.08 16.77
CA CYS A 173 -11.96 -2.51 16.06
C CYS A 173 -11.43 -1.75 14.84
N ARG A 174 -12.32 -1.02 14.17
CA ARG A 174 -11.92 -0.29 12.97
C ARG A 174 -10.93 0.82 13.31
N LEU A 175 -11.10 1.42 14.48
CA LEU A 175 -10.20 2.48 14.93
C LEU A 175 -8.80 1.93 15.12
N SER A 176 -8.68 0.75 15.74
CA SER A 176 -7.39 0.11 15.94
C SER A 176 -6.66 -0.01 14.62
N ILE A 177 -7.24 -0.76 13.70
CA ILE A 177 -6.49 -1.10 12.51
C ILE A 177 -6.31 0.13 11.62
N ASN A 178 -7.27 1.05 11.63
CA ASN A 178 -7.09 2.26 10.82
C ASN A 178 -5.98 3.12 11.37
N THR A 179 -5.98 3.36 12.67
CA THR A 179 -4.97 4.25 13.25
C THR A 179 -3.59 3.66 13.07
N GLN A 180 -3.46 2.34 13.20
CA GLN A 180 -2.19 1.64 13.15
C GLN A 180 -1.66 1.50 11.73
N LEU A 181 -2.54 1.53 10.72
CA LEU A 181 -2.10 1.56 9.34
C LEU A 181 -1.27 2.79 9.05
N LEU A 182 -1.61 3.91 9.70
CA LEU A 182 -1.10 5.22 9.34
C LEU A 182 -0.14 5.79 10.36
N ALA A 183 -0.07 5.21 11.55
CA ALA A 183 0.64 5.85 12.65
C ALA A 183 1.28 4.79 13.53
N ARG A 184 2.21 5.25 14.36
CA ARG A 184 2.68 4.49 15.51
C ARG A 184 2.01 5.10 16.73
N VAL A 185 1.24 4.31 17.46
CA VAL A 185 0.51 4.83 18.62
C VAL A 185 1.00 4.11 19.85
N ASP A 186 1.17 4.86 20.95
CA ASP A 186 1.73 4.35 22.20
C ASP A 186 0.93 4.88 23.39
N HIS A 187 0.58 3.99 24.33
CA HIS A 187 -0.22 4.39 25.49
C HIS A 187 0.72 4.82 26.61
N LEU A 188 0.69 6.12 26.94
CA LEU A 188 1.73 6.74 27.75
C LEU A 188 1.41 6.80 29.25
N MET A 189 0.23 7.26 29.65
CA MET A 189 -0.04 7.30 31.07
C MET A 189 -1.53 7.41 31.33
N LYS A 190 -1.95 6.85 32.44
CA LYS A 190 -3.33 7.00 32.90
C LYS A 190 -3.46 8.35 33.59
N VAL A 191 -4.67 8.90 33.58
CA VAL A 191 -4.91 10.22 34.15
C VAL A 191 -6.22 10.19 34.91
N GLY A 192 -6.15 10.44 36.22
CA GLY A 192 -7.33 10.29 37.04
C GLY A 192 -8.31 11.40 36.80
N LYS A 193 -9.59 11.03 36.76
CA LYS A 193 -10.64 12.01 36.50
C LYS A 193 -10.73 13.07 37.60
N ASN A 194 -10.14 12.81 38.77
CA ASN A 194 -10.09 13.80 39.83
C ASN A 194 -9.27 15.04 39.44
N ASN A 195 -8.49 14.98 38.34
CA ASN A 195 -7.60 16.06 37.92
C ASN A 195 -8.24 17.08 36.99
N PHE A 196 -9.51 16.96 36.67
CA PHE A 196 -10.15 17.84 35.71
C PHE A 196 -11.25 18.64 36.39
N ARG A 197 -11.58 19.77 35.79
CA ARG A 197 -12.52 20.72 36.38
C ARG A 197 -13.50 21.18 35.31
N PRO A 198 -14.73 20.63 35.30
CA PRO A 198 -15.30 19.63 36.21
C PRO A 198 -14.98 18.19 35.81
N PRO A 199 -14.87 17.29 36.79
CA PRO A 199 -14.43 15.90 36.49
C PRO A 199 -15.32 15.23 35.45
N PRO A 200 -14.73 14.41 34.59
CA PRO A 200 -15.52 13.52 33.74
C PRO A 200 -16.08 12.33 34.51
N LYS A 201 -16.73 11.42 33.80
CA LYS A 201 -17.21 10.22 34.45
C LYS A 201 -16.29 9.02 34.25
N VAL A 202 -15.34 9.11 33.33
CA VAL A 202 -14.44 8.01 33.06
C VAL A 202 -13.00 8.46 33.20
N GLU A 203 -12.12 7.52 33.51
CA GLU A 203 -10.70 7.81 33.53
C GLU A 203 -10.27 8.25 32.15
N SER A 204 -9.12 8.92 32.09
CA SER A 204 -8.53 9.32 30.83
C SER A 204 -7.20 8.63 30.63
N SER A 205 -6.64 8.83 29.44
CA SER A 205 -5.31 8.35 29.11
C SER A 205 -4.61 9.36 28.24
N VAL A 206 -3.28 9.27 28.23
CA VAL A 206 -2.43 10.10 27.40
C VAL A 206 -1.75 9.19 26.39
N VAL A 207 -1.63 9.66 25.15
CA VAL A 207 -1.27 8.81 24.02
C VAL A 207 -0.41 9.62 23.06
N ARG A 208 0.70 9.04 22.62
CA ARG A 208 1.58 9.61 21.61
C ARG A 208 1.29 8.97 20.25
N ILE A 209 1.18 9.80 19.21
CA ILE A 209 0.88 9.34 17.86
C ILE A 209 1.92 9.92 16.92
N GLU A 210 2.74 9.04 16.34
CA GLU A 210 3.72 9.48 15.34
C GLU A 210 3.29 9.00 13.96
N PRO A 211 3.09 9.89 13.01
CA PRO A 211 2.65 9.46 11.69
C PRO A 211 3.73 8.63 11.03
N LYS A 212 3.30 7.79 10.10
CA LYS A 212 4.20 7.04 9.26
C LYS A 212 4.58 7.91 8.06
N ASN A 213 5.88 8.12 7.88
CA ASN A 213 6.41 9.03 6.86
C ASN A 213 7.61 8.38 6.19
N PRO A 214 7.46 7.88 4.95
CA PRO A 214 6.27 7.94 4.10
C PRO A 214 5.16 6.99 4.56
N PRO A 215 3.92 7.39 4.30
CA PRO A 215 2.80 6.55 4.66
C PRO A 215 2.68 5.44 3.63
N PRO A 216 2.02 4.35 3.96
CA PRO A 216 1.96 3.22 3.02
C PRO A 216 1.24 3.61 1.75
N PRO A 217 1.48 2.91 0.65
CA PRO A 217 0.72 3.17 -0.60
C PRO A 217 -0.60 2.42 -0.60
N ILE A 218 -1.46 2.82 0.32
CA ILE A 218 -2.79 2.26 0.51
C ILE A 218 -3.78 3.40 0.33
N ASN A 219 -4.74 3.22 -0.59
CA ASN A 219 -5.76 4.24 -0.88
C ASN A 219 -6.79 4.27 0.25
N PHE A 220 -6.46 5.00 1.32
CA PHE A 220 -7.18 4.96 2.59
C PHE A 220 -8.70 5.16 2.45
N GLN A 221 -9.15 5.81 1.39
CA GLN A 221 -10.58 5.84 1.12
C GLN A 221 -11.11 4.44 0.91
N GLU A 222 -10.52 3.70 -0.04
CA GLU A 222 -10.89 2.31 -0.28
C GLU A 222 -10.60 1.46 0.95
N TRP A 223 -9.42 1.63 1.54
CA TRP A 223 -9.08 0.86 2.73
C TRP A 223 -10.19 0.92 3.77
N ASP A 224 -10.61 2.13 4.14
CA ASP A 224 -11.63 2.28 5.17
C ASP A 224 -12.94 1.63 4.74
N GLY A 225 -13.28 1.75 3.45
CA GLY A 225 -14.51 1.13 2.99
C GLY A 225 -14.55 -0.36 3.25
N LEU A 226 -13.45 -1.05 2.96
CA LEU A 226 -13.37 -2.49 3.18
C LEU A 226 -13.41 -2.82 4.66
N VAL A 227 -12.71 -2.03 5.49
CA VAL A 227 -12.62 -2.34 6.91
C VAL A 227 -13.96 -2.11 7.60
N ARG A 228 -14.71 -1.08 7.18
CA ARG A 228 -16.05 -0.85 7.72
C ARG A 228 -16.93 -2.09 7.56
N ILE A 229 -16.93 -2.66 6.35
CA ILE A 229 -17.82 -3.75 6.04
C ILE A 229 -17.51 -4.96 6.91
N THR A 230 -16.24 -5.23 7.12
CA THR A 230 -15.86 -6.40 7.88
C THR A 230 -15.89 -6.18 9.39
N PHE A 231 -16.08 -4.97 9.89
CA PHE A 231 -16.14 -4.78 11.33
C PHE A 231 -17.56 -4.50 11.84
N VAL A 232 -18.54 -4.38 10.93
CA VAL A 232 -19.96 -4.35 11.31
C VAL A 232 -20.27 -5.46 12.32
N ARG A 233 -19.96 -6.69 11.95
CA ARG A 233 -20.02 -7.85 12.82
C ARG A 233 -18.62 -8.49 12.82
N LYS A 234 -17.78 -8.10 13.78
CA LYS A 234 -16.37 -8.49 13.76
C LYS A 234 -16.10 -9.91 14.24
N ASN A 235 -17.11 -10.60 14.77
CA ASN A 235 -16.94 -11.98 15.21
C ASN A 235 -17.57 -12.93 14.24
N LYS A 236 -18.13 -12.42 13.16
CA LYS A 236 -18.66 -13.22 12.09
C LYS A 236 -17.72 -13.15 10.91
N THR A 237 -17.91 -14.06 9.97
CA THR A 237 -16.97 -14.22 8.88
C THR A 237 -17.10 -13.11 7.84
N LEU A 238 -16.05 -13.01 7.00
CA LEU A 238 -16.05 -12.09 5.88
C LEU A 238 -17.09 -12.46 4.84
N SER A 239 -17.28 -13.76 4.61
CA SER A 239 -18.37 -14.18 3.76
C SER A 239 -19.69 -13.58 4.22
N ALA A 240 -20.00 -13.75 5.51
CA ALA A 240 -21.18 -13.11 6.07
C ALA A 240 -21.17 -11.61 5.82
N ALA A 241 -20.01 -10.98 5.97
CA ALA A 241 -19.92 -9.52 5.94
C ALA A 241 -20.33 -8.95 4.59
N PHE A 242 -20.32 -9.74 3.53
CA PHE A 242 -20.59 -9.27 2.19
C PHE A 242 -21.96 -9.69 1.66
N LYS A 243 -22.75 -10.37 2.46
CA LYS A 243 -24.11 -10.70 2.08
C LYS A 243 -25.09 -9.58 2.41
N SER A 244 -24.67 -8.63 3.24
CA SER A 244 -25.42 -7.40 3.47
C SER A 244 -25.90 -6.78 2.15
N SER A 245 -27.03 -6.08 2.20
CA SER A 245 -27.50 -5.46 0.97
C SER A 245 -26.86 -4.10 0.71
N ALA A 246 -26.63 -3.33 1.76
CA ALA A 246 -25.87 -2.09 1.62
C ALA A 246 -24.58 -2.34 0.87
N VAL A 247 -23.90 -3.44 1.23
CA VAL A 247 -22.67 -3.84 0.57
C VAL A 247 -22.90 -4.06 -0.91
N GLN A 248 -23.81 -4.98 -1.26
CA GLN A 248 -24.02 -5.30 -2.65
C GLN A 248 -24.46 -4.08 -3.45
N GLN A 249 -25.26 -3.20 -2.85
CA GLN A 249 -25.61 -1.96 -3.53
C GLN A 249 -24.38 -1.12 -3.76
N LEU A 250 -23.50 -1.04 -2.75
CA LEU A 250 -22.30 -0.22 -2.86
C LEU A 250 -21.36 -0.76 -3.95
N LEU A 251 -21.07 -2.05 -3.88
CA LEU A 251 -20.13 -2.64 -4.81
C LEU A 251 -20.71 -2.77 -6.21
N GLU A 252 -22.02 -3.05 -6.34
CA GLU A 252 -22.66 -3.05 -7.65
C GLU A 252 -22.54 -1.69 -8.32
N LYS A 253 -22.75 -0.61 -7.55
CA LYS A 253 -22.52 0.74 -8.06
C LYS A 253 -21.11 0.87 -8.62
N ASN A 254 -20.12 0.68 -7.74
CA ASN A 254 -18.74 0.84 -8.15
C ASN A 254 -18.37 -0.08 -9.30
N TYR A 255 -18.91 -1.30 -9.33
CA TYR A 255 -18.57 -2.21 -10.41
C TYR A 255 -19.15 -1.76 -11.73
N ARG A 256 -20.27 -1.05 -11.70
CA ARG A 256 -20.82 -0.52 -12.94
C ARG A 256 -19.88 0.51 -13.56
N ILE A 257 -19.29 1.37 -12.72
CA ILE A 257 -18.33 2.37 -13.17
C ILE A 257 -17.12 1.70 -13.83
N HIS A 258 -16.55 0.70 -13.15
CA HIS A 258 -15.41 -0.03 -13.67
C HIS A 258 -15.67 -0.53 -15.08
N CYS A 259 -16.82 -1.17 -15.29
CA CYS A 259 -17.11 -1.79 -16.58
C CYS A 259 -17.39 -0.79 -17.68
N SER A 260 -17.81 0.42 -17.33
CA SER A 260 -18.02 1.47 -18.33
C SER A 260 -16.71 2.15 -18.70
N VAL A 261 -15.87 2.37 -17.70
CA VAL A 261 -14.56 2.97 -17.94
C VAL A 261 -13.70 2.07 -18.81
N HIS A 262 -13.79 0.76 -18.63
CA HIS A 262 -12.94 -0.17 -19.37
C HIS A 262 -13.67 -0.96 -20.45
N ASN A 263 -14.86 -0.53 -20.87
CA ASN A 263 -15.62 -1.15 -21.97
C ASN A 263 -15.72 -2.67 -21.79
N ILE A 264 -15.92 -3.09 -20.53
CA ILE A 264 -16.25 -4.46 -20.16
C ILE A 264 -17.76 -4.67 -20.25
N ILE A 265 -18.15 -5.92 -20.47
CA ILE A 265 -19.54 -6.23 -20.75
C ILE A 265 -20.07 -7.10 -19.62
N ILE A 266 -21.02 -6.57 -18.87
CA ILE A 266 -21.60 -7.33 -17.77
C ILE A 266 -22.48 -8.42 -18.35
N PRO A 267 -22.12 -9.68 -18.16
CA PRO A 267 -22.92 -10.76 -18.72
C PRO A 267 -24.30 -10.75 -18.10
N GLU A 268 -25.30 -11.10 -18.92
CA GLU A 268 -26.70 -11.02 -18.51
C GLU A 268 -27.00 -11.89 -17.29
N ASP A 269 -26.17 -12.87 -16.99
CA ASP A 269 -26.33 -13.77 -15.85
C ASP A 269 -25.41 -13.44 -14.68
N PHE A 270 -24.69 -12.31 -14.76
CA PHE A 270 -23.69 -11.91 -13.77
C PHE A 270 -24.30 -11.82 -12.38
N SER A 271 -23.53 -12.19 -11.36
CA SER A 271 -23.93 -11.94 -9.98
C SER A 271 -22.77 -11.37 -9.18
N ILE A 272 -22.92 -10.14 -8.69
CA ILE A 272 -21.92 -9.53 -7.81
C ILE A 272 -21.64 -10.40 -6.60
N ALA A 273 -22.66 -11.07 -6.06
CA ALA A 273 -22.46 -11.75 -4.79
C ALA A 273 -21.55 -12.95 -4.96
N ASP A 274 -21.70 -13.67 -6.08
CA ASP A 274 -20.83 -14.81 -6.36
C ASP A 274 -19.39 -14.38 -6.64
N LYS A 275 -19.21 -13.26 -7.34
CA LYS A 275 -17.88 -12.73 -7.55
C LYS A 275 -17.22 -12.39 -6.23
N ILE A 276 -17.94 -11.69 -5.36
CA ILE A 276 -17.39 -11.43 -4.03
C ILE A 276 -17.00 -12.74 -3.36
N GLN A 277 -17.75 -13.80 -3.62
CA GLN A 277 -17.56 -15.02 -2.86
C GLN A 277 -16.41 -15.85 -3.41
N GLN A 278 -16.19 -15.82 -4.73
CA GLN A 278 -14.96 -16.38 -5.29
C GLN A 278 -13.72 -15.71 -4.70
N ILE A 279 -13.56 -14.42 -4.98
CA ILE A 279 -12.48 -13.62 -4.42
C ILE A 279 -12.27 -13.97 -2.96
N LEU A 280 -13.34 -14.02 -2.17
CA LEU A 280 -13.18 -14.35 -0.76
C LEU A 280 -12.64 -15.76 -0.58
N THR A 281 -13.21 -16.72 -1.31
CA THR A 281 -12.69 -18.08 -1.25
C THR A 281 -11.29 -18.18 -1.85
N SER A 282 -11.09 -17.61 -3.03
CA SER A 282 -9.83 -17.79 -3.73
C SER A 282 -8.66 -17.09 -3.04
N THR A 283 -8.93 -16.24 -2.06
CA THR A 283 -7.89 -15.66 -1.24
C THR A 283 -7.89 -16.23 0.16
N GLY A 284 -8.66 -17.28 0.41
CA GLY A 284 -8.70 -17.92 1.71
C GLY A 284 -9.34 -17.12 2.82
N PHE A 285 -9.93 -15.97 2.50
CA PHE A 285 -10.48 -15.10 3.54
C PHE A 285 -11.90 -15.44 3.91
N SER A 286 -12.52 -16.37 3.20
CA SER A 286 -13.95 -16.55 3.27
C SER A 286 -14.42 -16.88 4.68
N ASP A 287 -13.63 -17.64 5.44
CA ASP A 287 -14.03 -18.13 6.75
C ASP A 287 -13.32 -17.41 7.88
N LYS A 288 -12.60 -16.34 7.59
CA LYS A 288 -11.90 -15.62 8.64
C LYS A 288 -12.78 -14.50 9.18
N ARG A 289 -12.41 -14.00 10.35
CA ARG A 289 -13.16 -12.96 11.04
C ARG A 289 -12.24 -11.75 11.21
N ALA A 290 -12.81 -10.55 11.07
CA ALA A 290 -11.97 -9.36 11.18
C ALA A 290 -11.37 -9.20 12.56
N ARG A 291 -12.01 -9.73 13.60
CA ARG A 291 -11.41 -9.66 14.93
C ARG A 291 -10.00 -10.27 14.96
N SER A 292 -9.73 -11.28 14.14
CA SER A 292 -8.42 -11.91 14.12
C SER A 292 -7.44 -11.27 13.11
N MET A 293 -7.91 -10.41 12.20
CA MET A 293 -7.12 -9.98 11.03
C MET A 293 -6.19 -8.80 11.32
N ASP A 294 -4.93 -8.93 10.88
CA ASP A 294 -3.93 -7.87 10.99
C ASP A 294 -3.81 -7.11 9.67
N ILE A 295 -3.03 -6.03 9.70
CA ILE A 295 -2.98 -5.10 8.58
C ILE A 295 -2.63 -5.82 7.28
N ASP A 296 -1.59 -6.64 7.32
CA ASP A 296 -1.18 -7.30 6.10
C ASP A 296 -2.30 -8.13 5.52
N ASP A 297 -3.12 -8.74 6.38
CA ASP A 297 -4.27 -9.51 5.92
C ASP A 297 -5.22 -8.65 5.11
N PHE A 298 -5.48 -7.43 5.56
CA PHE A 298 -6.41 -6.58 4.84
C PHE A 298 -5.82 -6.12 3.52
N ILE A 299 -4.51 -5.86 3.49
CA ILE A 299 -3.86 -5.52 2.22
C ILE A 299 -4.02 -6.66 1.22
N ARG A 300 -3.87 -7.90 1.69
CA ARG A 300 -4.08 -9.01 0.76
C ARG A 300 -5.53 -9.13 0.35
N LEU A 301 -6.45 -8.88 1.29
CA LEU A 301 -7.86 -8.89 0.94
C LEU A 301 -8.16 -7.82 -0.09
N LEU A 302 -7.66 -6.60 0.15
CA LEU A 302 -7.97 -5.50 -0.75
C LEU A 302 -7.37 -5.73 -2.13
N HIS A 303 -6.12 -6.21 -2.18
CA HIS A 303 -5.48 -6.48 -3.48
C HIS A 303 -6.27 -7.51 -4.27
N GLY A 304 -6.88 -8.46 -3.55
CA GLY A 304 -7.61 -9.54 -4.20
C GLY A 304 -8.93 -9.09 -4.75
N PHE A 305 -9.54 -8.08 -4.12
CA PHE A 305 -10.72 -7.44 -4.67
C PHE A 305 -10.36 -6.50 -5.81
N ASN A 306 -9.42 -5.57 -5.59
CA ASN A 306 -9.12 -4.60 -6.64
C ASN A 306 -8.70 -5.27 -7.93
N ALA A 307 -8.10 -6.46 -7.83
CA ALA A 307 -7.59 -7.13 -9.00
C ALA A 307 -8.68 -7.70 -9.88
N GLU A 308 -9.90 -7.80 -9.37
CA GLU A 308 -11.05 -8.26 -10.15
C GLU A 308 -11.94 -7.10 -10.62
N GLY A 309 -11.59 -5.87 -10.28
CA GLY A 309 -12.39 -4.73 -10.64
C GLY A 309 -13.31 -4.25 -9.54
N ILE A 310 -13.07 -4.67 -8.31
CA ILE A 310 -13.96 -4.36 -7.20
C ILE A 310 -13.27 -3.36 -6.28
N HIS A 311 -13.86 -2.16 -6.19
CA HIS A 311 -13.37 -1.08 -5.37
C HIS A 311 -14.40 -0.68 -4.34
N PHE A 312 -13.92 -0.24 -3.20
CA PHE A 312 -14.77 0.22 -2.11
C PHE A 312 -14.88 1.74 -2.10
N SER A 313 -14.25 2.39 -3.08
CA SER A 313 -14.10 3.82 -3.23
C SER A 313 -14.21 4.59 -1.95
N GLN B 36 16.95 -25.54 -27.74
CA GLN B 36 17.23 -24.33 -26.98
C GLN B 36 18.72 -24.20 -26.72
N HIS B 37 19.10 -23.37 -25.75
CA HIS B 37 20.49 -23.06 -25.38
C HIS B 37 20.85 -23.70 -24.03
N ILE B 38 21.35 -24.94 -24.05
CA ILE B 38 21.63 -25.66 -22.80
C ILE B 38 22.80 -25.04 -22.05
N LEU B 39 22.57 -24.64 -20.79
CA LEU B 39 23.62 -24.18 -19.90
C LEU B 39 24.47 -25.36 -19.45
N LYS B 40 25.76 -25.35 -19.79
CA LYS B 40 26.65 -26.46 -19.52
C LYS B 40 27.67 -26.21 -18.43
N ASN B 41 28.03 -24.97 -18.17
CA ASN B 41 29.07 -24.70 -17.19
C ASN B 41 28.57 -25.07 -15.80
N PRO B 42 29.12 -26.10 -15.16
CA PRO B 42 28.59 -26.54 -13.85
C PRO B 42 28.82 -25.53 -12.75
N LEU B 43 29.79 -24.64 -12.90
CA LEU B 43 30.10 -23.73 -11.80
C LEU B 43 29.14 -22.55 -11.81
N ILE B 44 28.76 -22.07 -12.99
CA ILE B 44 27.65 -21.12 -13.08
C ILE B 44 26.40 -21.74 -12.46
N ILE B 45 26.09 -22.98 -12.87
CA ILE B 45 24.93 -23.70 -12.32
C ILE B 45 24.98 -23.75 -10.79
N ASN B 46 26.12 -24.14 -10.22
CA ASN B 46 26.24 -24.17 -8.77
C ASN B 46 26.04 -22.80 -8.15
N SER B 47 26.42 -21.73 -8.88
CA SER B 47 26.23 -20.40 -8.33
C SER B 47 24.76 -20.03 -8.31
N ILE B 48 24.05 -20.37 -9.38
CA ILE B 48 22.61 -20.18 -9.48
C ILE B 48 21.88 -20.96 -8.37
N ILE B 49 22.23 -22.24 -8.17
CA ILE B 49 21.59 -22.99 -7.10
C ILE B 49 21.91 -22.36 -5.75
N ASP B 50 23.02 -21.64 -5.66
CA ASP B 50 23.39 -21.04 -4.40
C ASP B 50 22.51 -19.83 -4.09
N LYS B 51 22.27 -18.98 -5.09
CA LYS B 51 21.51 -17.75 -4.89
C LYS B 51 20.03 -18.00 -4.63
N ALA B 52 19.54 -19.20 -4.88
CA ALA B 52 18.14 -19.50 -4.63
C ALA B 52 17.89 -19.86 -3.18
N ALA B 53 18.96 -20.18 -2.45
CA ALA B 53 18.89 -20.51 -1.04
C ALA B 53 17.86 -21.60 -0.78
N LEU B 54 18.06 -22.72 -1.46
CA LEU B 54 17.18 -23.86 -1.28
C LEU B 54 17.31 -24.42 0.13
N ARG B 55 16.16 -24.83 0.70
CA ARG B 55 16.05 -25.55 1.96
C ARG B 55 15.52 -26.95 1.69
N PRO B 56 16.03 -27.97 2.38
CA PRO B 56 15.65 -29.36 2.05
C PRO B 56 14.17 -29.61 1.96
N THR B 57 13.35 -28.80 2.64
CA THR B 57 11.90 -28.94 2.66
C THR B 57 11.19 -28.18 1.52
N ASP B 58 11.92 -27.76 0.49
CA ASP B 58 11.41 -26.87 -0.55
C ASP B 58 10.91 -27.63 -1.78
N VAL B 59 9.96 -27.03 -2.48
CA VAL B 59 9.54 -27.48 -3.80
C VAL B 59 10.10 -26.49 -4.81
N VAL B 60 10.79 -27.00 -5.83
CA VAL B 60 11.48 -26.16 -6.79
C VAL B 60 10.82 -26.30 -8.14
N LEU B 61 10.36 -25.20 -8.69
CA LEU B 61 9.98 -25.13 -10.09
C LEU B 61 11.22 -24.81 -10.93
N GLU B 62 11.61 -25.72 -11.81
CA GLU B 62 12.67 -25.45 -12.77
C GLU B 62 12.09 -25.37 -14.19
N VAL B 63 12.21 -24.21 -14.81
CA VAL B 63 11.67 -23.95 -16.13
C VAL B 63 12.80 -24.02 -17.15
N GLY B 64 12.63 -24.86 -18.17
CA GLY B 64 13.70 -25.17 -19.08
C GLY B 64 14.77 -26.06 -18.47
N PRO B 65 14.38 -27.27 -18.04
CA PRO B 65 15.35 -28.16 -17.41
C PRO B 65 16.41 -28.67 -18.37
N GLY B 66 16.25 -28.39 -19.67
CA GLY B 66 17.22 -28.77 -20.67
C GLY B 66 17.51 -30.25 -20.61
N THR B 67 18.79 -30.58 -20.44
CA THR B 67 19.23 -31.96 -20.34
C THR B 67 19.30 -32.46 -18.90
N GLY B 68 18.95 -31.62 -17.92
CA GLY B 68 19.01 -31.97 -16.52
C GLY B 68 20.26 -31.53 -15.80
N ASN B 69 21.11 -30.73 -16.45
CA ASN B 69 22.39 -30.34 -15.86
C ASN B 69 22.21 -29.65 -14.52
N MET B 70 21.15 -28.87 -14.38
CA MET B 70 20.85 -28.29 -13.09
C MET B 70 19.87 -29.15 -12.30
N THR B 71 18.91 -29.75 -13.01
CA THR B 71 17.88 -30.55 -12.36
C THR B 71 18.48 -31.60 -11.44
N VAL B 72 19.48 -32.33 -11.93
CA VAL B 72 20.04 -33.45 -11.17
C VAL B 72 20.67 -32.97 -9.87
N LYS B 73 21.11 -31.72 -9.81
CA LYS B 73 21.65 -31.15 -8.60
C LYS B 73 20.57 -30.54 -7.71
N LEU B 74 19.55 -29.93 -8.30
CA LEU B 74 18.39 -29.50 -7.53
C LEU B 74 17.73 -30.67 -6.82
N LEU B 75 17.67 -31.83 -7.50
CA LEU B 75 17.01 -33.02 -6.94
C LEU B 75 17.69 -33.50 -5.67
N GLU B 76 18.99 -33.25 -5.51
CA GLU B 76 19.67 -33.67 -4.29
C GLU B 76 19.28 -32.80 -3.12
N LYS B 77 18.97 -31.52 -3.37
CA LYS B 77 18.85 -30.54 -2.31
C LYS B 77 17.42 -30.11 -2.01
N ALA B 78 16.45 -30.48 -2.85
CA ALA B 78 15.05 -30.11 -2.68
C ALA B 78 14.23 -31.26 -2.12
N LYS B 79 13.06 -30.93 -1.58
CA LYS B 79 12.10 -31.98 -1.25
C LYS B 79 11.42 -32.52 -2.52
N LYS B 80 11.16 -31.66 -3.49
CA LYS B 80 10.54 -32.07 -4.74
C LYS B 80 10.86 -31.04 -5.81
N VAL B 81 11.03 -31.49 -7.04
CA VAL B 81 11.43 -30.62 -8.11
C VAL B 81 10.47 -30.80 -9.28
N VAL B 82 9.81 -29.70 -9.67
CA VAL B 82 8.84 -29.66 -10.75
C VAL B 82 9.51 -29.01 -11.95
N ALA B 83 9.71 -29.78 -13.03
CA ALA B 83 10.47 -29.32 -14.19
C ALA B 83 9.51 -29.00 -15.32
N CYS B 84 9.52 -27.74 -15.77
CA CYS B 84 8.68 -27.33 -16.90
C CYS B 84 9.49 -27.47 -18.18
N GLU B 85 9.34 -28.63 -18.82
CA GLU B 85 9.93 -28.89 -20.12
C GLU B 85 9.45 -27.88 -21.17
N LEU B 86 10.39 -27.13 -21.71
CA LEU B 86 10.17 -26.14 -22.75
C LEU B 86 10.29 -26.71 -24.16
N ASP B 87 10.88 -27.90 -24.28
CA ASP B 87 11.01 -28.65 -25.53
C ASP B 87 10.67 -30.10 -25.23
N PRO B 88 9.52 -30.58 -25.73
CA PRO B 88 9.08 -31.95 -25.41
C PRO B 88 9.99 -33.03 -25.93
N ARG B 89 10.92 -32.69 -26.81
CA ARG B 89 11.79 -33.67 -27.43
C ARG B 89 13.00 -34.01 -26.58
N LEU B 90 13.15 -33.36 -25.42
CA LEU B 90 14.19 -33.70 -24.47
C LEU B 90 13.68 -34.51 -23.28
N VAL B 91 12.36 -34.71 -23.18
CA VAL B 91 11.77 -35.18 -21.92
C VAL B 91 12.23 -36.59 -21.59
N ALA B 92 12.17 -37.49 -22.58
CA ALA B 92 12.52 -38.89 -22.32
C ALA B 92 13.99 -39.03 -21.92
N GLU B 93 14.87 -38.21 -22.49
CA GLU B 93 16.27 -38.24 -22.08
C GLU B 93 16.45 -37.70 -20.67
N LEU B 94 15.68 -36.67 -20.32
CA LEU B 94 15.72 -36.13 -18.96
C LEU B 94 15.44 -37.23 -17.96
N HIS B 95 14.35 -37.97 -18.21
CA HIS B 95 13.92 -39.07 -17.34
C HIS B 95 14.95 -40.19 -17.29
N LYS B 96 15.52 -40.56 -18.44
CA LYS B 96 16.56 -41.58 -18.40
C LYS B 96 17.69 -41.17 -17.47
N ARG B 97 18.07 -39.88 -17.53
CA ARG B 97 19.20 -39.38 -16.75
C ARG B 97 18.95 -39.46 -15.26
N VAL B 98 17.70 -39.29 -14.82
CA VAL B 98 17.38 -39.39 -13.40
C VAL B 98 16.94 -40.78 -12.99
N GLN B 99 16.49 -41.62 -13.94
CA GLN B 99 16.05 -42.95 -13.58
C GLN B 99 17.22 -43.73 -13.00
N GLY B 100 16.93 -44.50 -11.94
CA GLY B 100 17.92 -45.30 -11.26
C GLY B 100 18.57 -44.63 -10.06
N THR B 101 18.60 -43.30 -10.02
CA THR B 101 19.09 -42.56 -8.87
C THR B 101 18.03 -42.56 -7.78
N PRO B 102 18.41 -42.42 -6.51
CA PRO B 102 17.40 -42.49 -5.43
C PRO B 102 16.48 -41.28 -5.39
N VAL B 103 16.89 -40.16 -6.00
CA VAL B 103 16.10 -38.95 -6.05
C VAL B 103 15.12 -38.92 -7.22
N ALA B 104 15.04 -40.01 -8.00
CA ALA B 104 14.22 -40.01 -9.21
C ALA B 104 12.77 -39.70 -8.89
N SER B 105 12.27 -40.21 -7.75
CA SER B 105 10.87 -40.03 -7.41
C SER B 105 10.53 -38.57 -7.12
N LYS B 106 11.53 -37.76 -6.73
CA LYS B 106 11.35 -36.36 -6.43
C LYS B 106 11.14 -35.49 -7.66
N LEU B 107 11.31 -36.03 -8.86
CA LEU B 107 11.15 -35.24 -10.06
C LEU B 107 9.76 -35.41 -10.63
N GLN B 108 9.06 -34.31 -10.82
CA GLN B 108 7.92 -34.26 -11.72
C GLN B 108 8.25 -33.39 -12.93
N VAL B 109 7.98 -33.91 -14.11
CA VAL B 109 8.15 -33.16 -15.36
C VAL B 109 6.78 -32.76 -15.91
N LEU B 110 6.72 -31.59 -16.56
CA LEU B 110 5.49 -31.02 -17.11
C LEU B 110 5.74 -30.64 -18.56
N VAL B 111 4.84 -31.07 -19.45
CA VAL B 111 5.03 -30.86 -20.88
C VAL B 111 3.86 -30.04 -21.41
N GLY B 112 4.12 -28.80 -21.79
CA GLY B 112 3.04 -27.95 -22.29
C GLY B 112 3.50 -26.51 -22.33
N ASP B 113 2.71 -25.69 -23.05
CA ASP B 113 3.03 -24.27 -23.11
C ASP B 113 3.00 -23.68 -21.72
N VAL B 114 4.18 -23.56 -21.11
CA VAL B 114 4.32 -23.11 -19.73
C VAL B 114 3.49 -21.87 -19.44
N LEU B 115 3.28 -21.00 -20.43
CA LEU B 115 2.50 -19.78 -20.19
C LEU B 115 1.03 -20.06 -19.98
N LYS B 116 0.47 -21.13 -20.58
CA LYS B 116 -0.92 -21.50 -20.41
C LYS B 116 -1.11 -22.45 -19.25
N THR B 117 -0.23 -23.45 -19.11
CA THR B 117 -0.19 -24.28 -17.91
C THR B 117 -0.24 -23.36 -16.71
N ASP B 118 -1.00 -23.73 -15.69
CA ASP B 118 -0.83 -22.97 -14.48
C ASP B 118 -0.12 -23.86 -13.46
N LEU B 119 0.83 -23.24 -12.78
CA LEU B 119 1.95 -23.89 -12.14
C LEU B 119 1.57 -24.35 -10.74
N PRO B 120 2.17 -25.44 -10.29
CA PRO B 120 1.83 -25.98 -8.97
C PRO B 120 2.34 -25.09 -7.87
N PHE B 121 2.26 -25.54 -6.63
CA PHE B 121 2.87 -24.77 -5.57
C PHE B 121 4.38 -24.96 -5.63
N PHE B 122 5.14 -23.87 -5.62
CA PHE B 122 6.57 -23.96 -5.43
C PHE B 122 7.02 -22.92 -4.39
N ASP B 123 8.25 -23.10 -3.94
CA ASP B 123 8.89 -22.26 -2.93
C ASP B 123 9.93 -21.35 -3.57
N THR B 124 10.75 -21.91 -4.44
CA THR B 124 11.69 -21.17 -5.26
C THR B 124 11.56 -21.64 -6.71
N CYS B 125 11.98 -20.77 -7.62
CA CYS B 125 12.04 -21.05 -9.04
C CYS B 125 13.47 -20.80 -9.52
N VAL B 126 13.90 -21.62 -10.47
CA VAL B 126 15.09 -21.36 -11.28
C VAL B 126 14.75 -21.63 -12.72
N ALA B 127 15.26 -20.80 -13.62
CA ALA B 127 14.75 -20.85 -14.97
C ALA B 127 15.83 -20.43 -15.96
N ASN B 128 15.98 -21.18 -17.02
CA ASN B 128 16.82 -20.78 -18.12
C ASN B 128 15.83 -20.44 -19.24
N LEU B 129 15.58 -19.14 -19.41
CA LEU B 129 14.38 -18.68 -20.08
C LEU B 129 14.73 -18.16 -21.47
N PRO B 130 14.17 -18.76 -22.52
CA PRO B 130 14.27 -18.17 -23.85
C PRO B 130 13.82 -16.72 -23.85
N TYR B 131 14.50 -15.91 -24.66
CA TYR B 131 14.14 -14.50 -24.81
C TYR B 131 12.68 -14.29 -25.19
N GLN B 132 12.04 -15.25 -25.84
CA GLN B 132 10.72 -15.01 -26.38
C GLN B 132 9.63 -15.11 -25.32
N ILE B 133 9.78 -16.00 -24.34
CA ILE B 133 8.82 -16.08 -23.25
C ILE B 133 9.25 -15.28 -22.03
N SER B 134 10.39 -14.59 -22.09
CA SER B 134 10.96 -13.89 -20.95
C SER B 134 9.94 -12.98 -20.28
N SER B 135 9.36 -12.06 -21.05
CA SER B 135 8.46 -11.09 -20.44
C SER B 135 7.17 -11.73 -19.94
N PRO B 136 6.41 -12.48 -20.75
CA PRO B 136 5.19 -13.11 -20.21
C PRO B 136 5.42 -14.00 -18.99
N PHE B 137 6.56 -14.69 -18.92
CA PHE B 137 6.81 -15.58 -17.80
C PHE B 137 7.01 -14.81 -16.50
N VAL B 138 7.59 -13.60 -16.58
CA VAL B 138 7.78 -12.78 -15.39
C VAL B 138 6.43 -12.35 -14.81
N PHE B 139 5.55 -11.89 -15.70
CA PHE B 139 4.24 -11.44 -15.25
C PHE B 139 3.43 -12.61 -14.72
N LYS B 140 3.56 -13.80 -15.33
CA LYS B 140 2.90 -15.00 -14.80
C LYS B 140 3.40 -15.33 -13.39
N LEU B 141 4.71 -15.20 -13.17
CA LEU B 141 5.28 -15.42 -11.84
C LEU B 141 4.73 -14.44 -10.82
N LEU B 142 4.67 -13.15 -11.17
CA LEU B 142 4.30 -12.14 -10.18
C LEU B 142 2.85 -12.25 -9.73
N LEU B 143 2.00 -12.84 -10.56
CA LEU B 143 0.62 -13.11 -10.21
C LEU B 143 0.43 -14.48 -9.62
N HIS B 144 1.40 -15.37 -9.78
CA HIS B 144 1.23 -16.72 -9.25
C HIS B 144 0.93 -16.69 -7.76
N ARG B 145 -0.05 -17.49 -7.35
CA ARG B 145 -0.27 -17.73 -5.95
C ARG B 145 -0.26 -19.23 -5.70
N PRO B 146 0.10 -19.68 -4.49
CA PRO B 146 0.55 -18.92 -3.31
C PRO B 146 1.86 -18.19 -3.57
N PHE B 147 2.15 -17.12 -2.84
CA PHE B 147 3.42 -16.44 -3.03
C PHE B 147 4.57 -17.44 -2.89
N PHE B 148 5.67 -17.15 -3.59
CA PHE B 148 6.90 -17.91 -3.46
C PHE B 148 7.98 -17.00 -2.91
N ARG B 149 9.11 -17.58 -2.53
CA ARG B 149 10.18 -16.81 -1.90
C ARG B 149 10.99 -15.99 -2.90
N CYS B 150 11.75 -16.65 -3.77
CA CYS B 150 12.40 -15.94 -4.86
C CYS B 150 12.42 -16.80 -6.11
N ALA B 151 12.77 -16.17 -7.23
CA ALA B 151 13.07 -16.87 -8.47
C ALA B 151 14.43 -16.42 -8.95
N ILE B 152 15.22 -17.35 -9.47
CA ILE B 152 16.56 -17.05 -9.98
C ILE B 152 16.53 -17.38 -11.47
N LEU B 153 16.60 -16.36 -12.31
CA LEU B 153 16.22 -16.48 -13.71
C LEU B 153 17.35 -16.06 -14.62
N MET B 154 17.45 -16.73 -15.78
CA MET B 154 18.45 -16.44 -16.78
C MET B 154 17.81 -15.67 -17.93
N PHE B 155 18.30 -14.44 -18.16
CA PHE B 155 17.75 -13.54 -19.18
C PHE B 155 18.86 -13.01 -20.06
N GLN B 156 18.51 -12.65 -21.29
CA GLN B 156 19.39 -11.82 -22.11
C GLN B 156 19.75 -10.53 -21.39
N ARG B 157 21.02 -10.12 -21.47
CA ARG B 157 21.48 -8.98 -20.67
C ARG B 157 20.66 -7.74 -20.96
N GLU B 158 20.27 -7.54 -22.23
CA GLU B 158 19.45 -6.39 -22.58
C GLU B 158 18.19 -6.34 -21.72
N PHE B 159 17.34 -7.38 -21.85
CA PHE B 159 16.14 -7.53 -21.05
C PHE B 159 16.40 -7.33 -19.57
N ALA B 160 17.48 -7.94 -19.05
CA ALA B 160 17.73 -7.88 -17.62
C ALA B 160 17.97 -6.46 -17.15
N LEU B 161 18.57 -5.62 -17.99
CA LEU B 161 18.97 -4.28 -17.53
C LEU B 161 17.80 -3.32 -17.56
N ARG B 162 16.91 -3.46 -18.55
CA ARG B 162 15.58 -2.88 -18.44
C ARG B 162 14.93 -3.31 -17.13
N LEU B 163 14.89 -4.62 -16.88
CA LEU B 163 14.14 -5.15 -15.75
C LEU B 163 14.58 -4.51 -14.44
N VAL B 164 15.86 -4.20 -14.28
CA VAL B 164 16.39 -3.77 -12.99
C VAL B 164 16.66 -2.30 -12.94
N ALA B 165 16.36 -1.59 -14.04
CA ALA B 165 16.59 -0.16 -14.11
C ALA B 165 15.76 0.55 -13.06
N LYS B 166 16.42 1.37 -12.25
CA LYS B 166 15.75 2.21 -11.28
C LYS B 166 15.23 3.46 -11.96
N PRO B 167 14.23 4.13 -11.37
CA PRO B 167 13.65 5.32 -12.01
C PRO B 167 14.67 6.42 -12.18
N GLY B 168 14.57 7.12 -13.31
CA GLY B 168 15.63 8.03 -13.70
C GLY B 168 16.54 7.48 -14.78
N ASP B 169 16.91 6.20 -14.68
CA ASP B 169 17.86 5.61 -15.63
C ASP B 169 17.35 5.76 -17.07
N LYS B 170 18.29 5.87 -18.01
CA LYS B 170 17.91 5.96 -19.41
C LYS B 170 17.14 4.73 -19.86
N LEU B 171 17.31 3.60 -19.18
CA LEU B 171 16.68 2.35 -19.57
C LEU B 171 15.32 2.12 -18.91
N TYR B 172 15.01 2.84 -17.84
CA TYR B 172 13.71 2.77 -17.17
C TYR B 172 12.55 2.88 -18.16
N CYS B 173 11.76 1.80 -18.24
CA CYS B 173 10.71 1.68 -19.23
C CYS B 173 9.47 1.04 -18.59
N ARG B 174 8.41 0.93 -19.40
CA ARG B 174 7.21 0.17 -19.03
C ARG B 174 7.59 -1.09 -18.26
N LEU B 175 8.45 -1.92 -18.86
CA LEU B 175 8.79 -3.20 -18.25
C LEU B 175 9.33 -3.05 -16.83
N SER B 176 10.19 -2.06 -16.61
CA SER B 176 10.76 -1.83 -15.29
C SER B 176 9.67 -1.56 -14.25
N ILE B 177 8.73 -0.66 -14.58
CA ILE B 177 7.71 -0.27 -13.61
C ILE B 177 6.65 -1.36 -13.45
N ASN B 178 6.21 -1.97 -14.56
CA ASN B 178 5.34 -3.13 -14.43
C ASN B 178 5.95 -4.21 -13.55
N THR B 179 7.27 -4.38 -13.60
CA THR B 179 7.92 -5.41 -12.79
C THR B 179 8.27 -4.96 -11.38
N GLN B 180 8.72 -3.73 -11.21
CA GLN B 180 9.14 -3.33 -9.87
C GLN B 180 7.96 -3.01 -8.96
N LEU B 181 6.75 -2.98 -9.53
CA LEU B 181 5.54 -2.69 -8.77
C LEU B 181 5.14 -3.88 -7.92
N LEU B 182 5.36 -5.09 -8.46
CA LEU B 182 4.92 -6.34 -7.84
C LEU B 182 6.05 -7.10 -7.17
N ALA B 183 7.30 -6.78 -7.49
CA ALA B 183 8.41 -7.55 -6.94
C ALA B 183 9.65 -6.67 -6.78
N ARG B 184 10.69 -7.28 -6.21
CA ARG B 184 12.02 -6.70 -5.99
C ARG B 184 13.00 -7.43 -6.91
N VAL B 185 13.40 -6.81 -8.01
CA VAL B 185 14.34 -7.43 -8.93
C VAL B 185 15.76 -7.06 -8.51
N ASP B 186 16.70 -7.98 -8.70
CA ASP B 186 18.12 -7.68 -8.51
C ASP B 186 18.96 -8.40 -9.56
N HIS B 187 19.96 -7.68 -10.07
CA HIS B 187 20.96 -8.26 -10.95
C HIS B 187 22.03 -8.95 -10.09
N LEU B 188 22.40 -10.16 -10.48
CA LEU B 188 23.22 -11.00 -9.62
C LEU B 188 24.56 -11.40 -10.22
N MET B 189 24.64 -11.55 -11.53
CA MET B 189 25.75 -12.25 -12.15
C MET B 189 25.65 -12.07 -13.65
N LYS B 190 26.79 -11.92 -14.31
CA LYS B 190 26.86 -11.94 -15.76
C LYS B 190 27.27 -13.33 -16.22
N VAL B 191 26.73 -13.78 -17.34
CA VAL B 191 27.01 -15.13 -17.84
C VAL B 191 27.45 -15.03 -19.29
N GLY B 192 28.69 -15.43 -19.57
CA GLY B 192 29.21 -15.34 -20.92
C GLY B 192 28.53 -16.32 -21.86
N LYS B 193 28.44 -15.94 -23.12
CA LYS B 193 27.67 -16.70 -24.09
C LYS B 193 28.24 -18.08 -24.38
N ASN B 194 29.41 -18.40 -23.83
CA ASN B 194 30.03 -19.70 -24.09
C ASN B 194 29.80 -20.70 -22.97
N ASN B 195 28.94 -20.37 -22.01
CA ASN B 195 28.51 -21.36 -21.04
C ASN B 195 27.29 -22.13 -21.53
N PHE B 196 26.87 -21.90 -22.77
CA PHE B 196 25.69 -22.55 -23.33
C PHE B 196 26.05 -23.35 -24.56
N ARG B 197 25.28 -24.40 -24.81
CA ARG B 197 25.51 -25.31 -25.93
C ARG B 197 24.19 -25.44 -26.68
N PRO B 198 24.02 -24.73 -27.80
CA PRO B 198 24.96 -23.87 -28.51
C PRO B 198 25.02 -22.48 -27.88
N PRO B 199 25.92 -21.60 -28.34
CA PRO B 199 26.09 -20.32 -27.68
C PRO B 199 25.08 -19.31 -28.20
N PRO B 200 24.39 -18.60 -27.32
CA PRO B 200 23.48 -17.56 -27.77
C PRO B 200 24.25 -16.42 -28.41
N LYS B 201 23.53 -15.60 -29.17
CA LYS B 201 24.12 -14.50 -29.91
C LYS B 201 24.24 -13.23 -29.08
N VAL B 202 23.75 -13.21 -27.85
CA VAL B 202 23.95 -12.11 -26.92
C VAL B 202 24.54 -12.70 -25.63
N GLU B 203 25.02 -11.81 -24.76
CA GLU B 203 25.39 -12.28 -23.44
C GLU B 203 24.16 -12.39 -22.54
N SER B 204 24.30 -13.09 -21.43
CA SER B 204 23.17 -13.34 -20.54
C SER B 204 23.44 -12.81 -19.14
N SER B 205 22.36 -12.65 -18.37
CA SER B 205 22.43 -12.14 -17.01
C SER B 205 21.49 -12.92 -16.13
N VAL B 206 21.87 -13.05 -14.86
CA VAL B 206 21.10 -13.80 -13.87
C VAL B 206 20.47 -12.79 -12.93
N VAL B 207 19.15 -12.88 -12.79
CA VAL B 207 18.36 -11.92 -12.04
C VAL B 207 17.57 -12.65 -10.96
N ARG B 208 17.51 -12.06 -9.77
CA ARG B 208 16.62 -12.50 -8.71
C ARG B 208 15.34 -11.65 -8.68
N ILE B 209 14.19 -12.31 -8.58
CA ILE B 209 12.91 -11.66 -8.41
C ILE B 209 12.28 -12.19 -7.13
N GLU B 210 11.96 -11.30 -6.19
CA GLU B 210 11.25 -11.71 -4.99
C GLU B 210 9.93 -10.95 -4.96
N PRO B 211 8.78 -11.64 -5.01
CA PRO B 211 7.50 -10.94 -5.05
C PRO B 211 7.23 -10.20 -3.76
N LYS B 212 6.65 -8.99 -3.89
CA LYS B 212 6.15 -8.26 -2.74
C LYS B 212 4.96 -8.99 -2.12
N ASN B 213 5.04 -9.22 -0.81
CA ASN B 213 4.02 -9.90 -0.01
C ASN B 213 3.88 -9.18 1.32
N PRO B 214 2.79 -8.43 1.55
CA PRO B 214 1.63 -8.36 0.68
C PRO B 214 1.86 -7.48 -0.52
N PRO B 215 1.15 -7.75 -1.61
CA PRO B 215 1.31 -6.95 -2.79
C PRO B 215 0.51 -5.67 -2.66
N PRO B 216 0.85 -4.63 -3.41
CA PRO B 216 0.06 -3.42 -3.38
C PRO B 216 -1.28 -3.68 -4.05
N PRO B 217 -2.39 -3.30 -3.40
CA PRO B 217 -3.69 -3.40 -4.08
C PRO B 217 -3.72 -2.52 -5.30
N ILE B 218 -3.99 -3.13 -6.45
CA ILE B 218 -3.95 -2.41 -7.72
C ILE B 218 -5.02 -3.00 -8.63
N ASN B 219 -5.77 -2.13 -9.30
CA ASN B 219 -6.53 -2.51 -10.48
C ASN B 219 -5.58 -2.52 -11.67
N PHE B 220 -5.28 -3.70 -12.21
CA PHE B 220 -4.31 -3.75 -13.29
C PHE B 220 -4.81 -3.10 -14.58
N GLN B 221 -6.11 -3.08 -14.82
CA GLN B 221 -6.55 -2.40 -16.03
C GLN B 221 -6.40 -0.89 -15.90
N GLU B 222 -6.62 -0.35 -14.70
CA GLU B 222 -6.33 1.07 -14.44
C GLU B 222 -4.83 1.34 -14.54
N TRP B 223 -4.02 0.54 -13.82
CA TRP B 223 -2.57 0.67 -13.86
C TRP B 223 -2.08 0.73 -15.29
N ASP B 224 -2.51 -0.24 -16.11
CA ASP B 224 -2.08 -0.24 -17.49
C ASP B 224 -2.41 1.07 -18.18
N GLY B 225 -3.57 1.64 -17.88
CA GLY B 225 -3.86 2.98 -18.38
C GLY B 225 -2.86 4.02 -17.90
N LEU B 226 -2.69 4.15 -16.58
CA LEU B 226 -1.80 5.18 -16.05
C LEU B 226 -0.42 5.05 -16.66
N VAL B 227 0.11 3.84 -16.75
CA VAL B 227 1.41 3.64 -17.37
C VAL B 227 1.37 4.06 -18.83
N ARG B 228 0.28 3.74 -19.53
CA ARG B 228 0.20 3.98 -20.97
C ARG B 228 0.03 5.45 -21.30
N ILE B 229 -0.38 6.26 -20.32
CA ILE B 229 -0.56 7.70 -20.51
C ILE B 229 0.69 8.48 -20.15
N THR B 230 1.42 8.02 -19.13
CA THR B 230 2.51 8.75 -18.50
C THR B 230 3.88 8.43 -19.09
N PHE B 231 4.11 7.19 -19.51
CA PHE B 231 5.33 6.80 -20.22
C PHE B 231 5.07 7.07 -21.70
N VAL B 232 5.60 8.19 -22.20
CA VAL B 232 5.37 8.59 -23.59
C VAL B 232 6.66 9.11 -24.17
N ARG B 233 6.61 9.59 -25.41
CA ARG B 233 7.85 9.91 -26.13
C ARG B 233 8.61 11.05 -25.45
N LYS B 234 7.93 12.14 -25.10
CA LYS B 234 8.59 13.26 -24.44
C LYS B 234 8.51 13.04 -22.91
N ASN B 235 9.63 13.30 -22.23
CA ASN B 235 9.67 13.17 -20.77
C ASN B 235 9.37 14.53 -20.14
N LYS B 236 8.08 14.84 -20.11
CA LYS B 236 7.59 16.11 -19.60
C LYS B 236 7.22 16.02 -18.13
N THR B 237 6.95 17.17 -17.55
CA THR B 237 6.38 17.24 -16.22
C THR B 237 4.96 16.70 -16.29
N LEU B 238 4.43 16.26 -15.14
CA LEU B 238 3.06 15.74 -15.13
C LEU B 238 2.05 16.83 -15.46
N SER B 239 2.28 18.07 -15.00
CA SER B 239 1.42 19.18 -15.40
C SER B 239 1.41 19.30 -16.92
N ALA B 240 2.60 19.36 -17.52
CA ALA B 240 2.68 19.48 -18.96
C ALA B 240 2.06 18.27 -19.64
N ALA B 241 2.35 17.08 -19.13
CA ALA B 241 1.90 15.88 -19.81
C ALA B 241 0.38 15.82 -19.84
N PHE B 242 -0.28 16.27 -18.78
CA PHE B 242 -1.72 16.11 -18.57
C PHE B 242 -2.55 17.23 -19.17
N LYS B 243 -1.92 18.17 -19.85
CA LYS B 243 -2.69 19.13 -20.61
C LYS B 243 -2.92 18.66 -22.03
N SER B 244 -2.29 17.54 -22.42
CA SER B 244 -2.54 16.95 -23.73
C SER B 244 -4.04 16.81 -23.94
N SER B 245 -4.52 17.28 -25.10
CA SER B 245 -5.95 17.31 -25.32
C SER B 245 -6.58 15.92 -25.27
N ALA B 246 -5.82 14.85 -25.47
CA ALA B 246 -6.42 13.53 -25.42
C ALA B 246 -6.45 12.95 -24.01
N VAL B 247 -5.49 13.34 -23.17
CA VAL B 247 -5.56 12.94 -21.76
C VAL B 247 -6.74 13.63 -21.08
N GLN B 248 -6.94 14.92 -21.35
CA GLN B 248 -8.02 15.67 -20.73
C GLN B 248 -9.37 15.10 -21.12
N GLN B 249 -9.52 14.79 -22.41
CA GLN B 249 -10.77 14.22 -22.90
C GLN B 249 -11.06 12.91 -22.22
N LEU B 250 -10.05 12.02 -22.16
CA LEU B 250 -10.24 10.72 -21.54
C LEU B 250 -10.59 10.84 -20.07
N LEU B 251 -9.82 11.64 -19.32
CA LEU B 251 -10.06 11.78 -17.90
C LEU B 251 -11.45 12.33 -17.61
N GLU B 252 -11.91 13.30 -18.42
CA GLU B 252 -13.24 13.85 -18.21
C GLU B 252 -14.31 12.83 -18.53
N LYS B 253 -14.09 12.02 -19.57
CA LYS B 253 -15.03 10.95 -19.94
C LYS B 253 -15.35 10.06 -18.74
N ASN B 254 -14.32 9.66 -18.00
CA ASN B 254 -14.46 8.75 -16.88
C ASN B 254 -14.90 9.44 -15.59
N TYR B 255 -14.65 10.74 -15.48
CA TYR B 255 -15.30 11.52 -14.42
C TYR B 255 -16.81 11.56 -14.65
N ARG B 256 -17.22 11.83 -15.88
CA ARG B 256 -18.64 11.89 -16.19
C ARG B 256 -19.30 10.53 -16.03
N ILE B 257 -18.54 9.44 -16.20
CA ILE B 257 -19.10 8.12 -15.91
C ILE B 257 -19.33 7.96 -14.42
N HIS B 258 -18.34 8.36 -13.63
CA HIS B 258 -18.42 8.18 -12.18
C HIS B 258 -19.56 9.00 -11.60
N CYS B 259 -19.72 10.24 -12.08
CA CYS B 259 -20.75 11.13 -11.53
C CYS B 259 -22.15 10.69 -11.93
N SER B 260 -22.31 10.25 -13.18
CA SER B 260 -23.60 9.78 -13.64
C SER B 260 -24.12 8.69 -12.71
N VAL B 261 -23.37 7.60 -12.57
CA VAL B 261 -23.75 6.51 -11.68
C VAL B 261 -24.12 7.01 -10.30
N HIS B 262 -23.47 8.06 -9.83
CA HIS B 262 -23.69 8.59 -8.49
C HIS B 262 -24.61 9.78 -8.45
N ASN B 263 -25.24 10.16 -9.56
CA ASN B 263 -26.17 11.29 -9.59
C ASN B 263 -25.53 12.53 -8.97
N ILE B 264 -24.32 12.83 -9.44
CA ILE B 264 -23.61 14.04 -9.07
C ILE B 264 -23.72 14.99 -10.26
N ILE B 265 -24.23 16.20 -10.01
CA ILE B 265 -24.45 17.14 -11.09
C ILE B 265 -23.16 17.90 -11.29
N ILE B 266 -22.65 17.89 -12.53
CA ILE B 266 -21.43 18.58 -12.88
C ILE B 266 -21.81 19.94 -13.46
N PRO B 267 -21.33 21.06 -12.90
CA PRO B 267 -21.60 22.38 -13.46
C PRO B 267 -21.34 22.57 -14.96
N GLU B 268 -21.88 23.66 -15.52
CA GLU B 268 -21.73 23.93 -16.96
C GLU B 268 -20.36 24.48 -17.30
N ASP B 269 -19.74 25.13 -16.32
CA ASP B 269 -18.41 25.70 -16.39
C ASP B 269 -17.32 24.73 -15.95
N PHE B 270 -17.64 23.46 -15.75
CA PHE B 270 -16.65 22.50 -15.30
C PHE B 270 -15.47 22.45 -16.25
N SER B 271 -14.28 22.66 -15.71
CA SER B 271 -13.04 22.56 -16.47
C SER B 271 -12.29 21.33 -15.98
N ILE B 272 -12.17 20.30 -16.83
CA ILE B 272 -11.36 19.15 -16.43
C ILE B 272 -9.93 19.62 -16.20
N ALA B 273 -9.48 20.60 -16.98
CA ALA B 273 -8.13 21.11 -16.83
C ALA B 273 -7.84 21.52 -15.41
N ASP B 274 -8.80 22.16 -14.74
CA ASP B 274 -8.55 22.67 -13.39
C ASP B 274 -8.65 21.54 -12.37
N LYS B 275 -9.61 20.63 -12.56
CA LYS B 275 -9.71 19.45 -11.72
C LYS B 275 -8.40 18.67 -11.74
N ILE B 276 -7.82 18.50 -12.94
CA ILE B 276 -6.57 17.77 -13.10
C ILE B 276 -5.44 18.48 -12.37
N GLN B 277 -5.33 19.79 -12.57
CA GLN B 277 -4.29 20.57 -11.91
C GLN B 277 -4.52 20.68 -10.41
N GLN B 278 -5.78 20.64 -9.97
CA GLN B 278 -6.07 20.67 -8.54
C GLN B 278 -5.61 19.38 -7.87
N ILE B 279 -5.76 18.25 -8.58
CA ILE B 279 -5.32 16.96 -8.06
C ILE B 279 -3.81 16.89 -8.00
N LEU B 280 -3.12 17.25 -9.10
CA LEU B 280 -1.66 17.18 -9.14
C LEU B 280 -1.01 18.07 -8.08
N THR B 281 -1.51 19.29 -7.93
CA THR B 281 -0.99 20.18 -6.91
C THR B 281 -1.25 19.62 -5.52
N SER B 282 -2.45 19.07 -5.31
CA SER B 282 -2.83 18.52 -4.02
C SER B 282 -1.86 17.41 -3.60
N THR B 283 -1.45 16.60 -4.55
CA THR B 283 -0.65 15.43 -4.28
C THR B 283 0.86 15.73 -4.28
N GLY B 284 1.26 16.86 -4.81
CA GLY B 284 2.66 17.24 -4.74
C GLY B 284 3.46 16.80 -5.94
N PHE B 285 2.82 16.17 -6.91
CA PHE B 285 3.51 15.58 -8.03
C PHE B 285 3.46 16.46 -9.26
N SER B 286 3.01 17.71 -9.10
CA SER B 286 2.81 18.56 -10.26
C SER B 286 4.12 18.79 -11.02
N ASP B 287 5.23 18.97 -10.29
CA ASP B 287 6.54 19.18 -10.90
C ASP B 287 7.32 17.89 -11.13
N LYS B 288 6.75 16.73 -10.81
CA LYS B 288 7.44 15.47 -10.99
C LYS B 288 7.26 14.93 -12.40
N ARG B 289 8.19 14.05 -12.79
CA ARG B 289 8.16 13.38 -14.09
C ARG B 289 7.88 11.90 -13.88
N ALA B 290 6.86 11.39 -14.58
CA ALA B 290 6.48 10.00 -14.45
C ALA B 290 7.68 9.06 -14.46
N ARG B 291 8.51 9.14 -15.48
CA ARG B 291 9.64 8.24 -15.52
C ARG B 291 10.71 8.52 -14.45
N SER B 292 10.50 9.45 -13.51
CA SER B 292 11.52 9.68 -12.51
C SER B 292 11.02 9.50 -11.08
N MET B 293 9.78 9.03 -10.91
CA MET B 293 9.13 8.89 -9.62
C MET B 293 9.32 7.48 -9.05
N ASP B 294 9.30 7.40 -7.71
CA ASP B 294 9.25 6.11 -7.02
C ASP B 294 7.93 5.40 -7.29
N ILE B 295 7.97 4.06 -7.27
CA ILE B 295 6.79 3.26 -7.54
C ILE B 295 5.71 3.53 -6.50
N ASP B 296 6.11 3.92 -5.29
CA ASP B 296 5.10 4.24 -4.28
C ASP B 296 4.39 5.56 -4.60
N ASP B 297 5.14 6.58 -5.04
CA ASP B 297 4.51 7.86 -5.40
C ASP B 297 3.67 7.74 -6.66
N PHE B 298 4.07 6.88 -7.62
CA PHE B 298 3.23 6.63 -8.77
C PHE B 298 1.89 6.08 -8.33
N ILE B 299 1.91 5.23 -7.30
CA ILE B 299 0.68 4.73 -6.71
C ILE B 299 -0.08 5.86 -6.04
N ARG B 300 0.59 6.63 -5.20
CA ARG B 300 -0.08 7.76 -4.56
C ARG B 300 -0.67 8.70 -5.60
N LEU B 301 0.04 8.91 -6.71
CA LEU B 301 -0.50 9.68 -7.82
C LEU B 301 -1.83 9.10 -8.29
N LEU B 302 -1.89 7.80 -8.44
CA LEU B 302 -3.11 7.14 -8.91
C LEU B 302 -4.25 7.33 -7.91
N HIS B 303 -3.96 7.14 -6.63
CA HIS B 303 -5.00 7.25 -5.60
C HIS B 303 -5.55 8.66 -5.55
N GLY B 304 -4.68 9.65 -5.73
CA GLY B 304 -5.11 11.03 -5.66
C GLY B 304 -6.20 11.34 -6.66
N PHE B 305 -6.02 10.88 -7.90
CA PHE B 305 -7.06 10.96 -8.91
C PHE B 305 -8.27 10.11 -8.56
N ASN B 306 -8.03 8.85 -8.14
CA ASN B 306 -9.10 7.94 -7.80
C ASN B 306 -10.05 8.55 -6.79
N ALA B 307 -9.51 9.10 -5.70
CA ALA B 307 -10.30 9.68 -4.62
C ALA B 307 -11.15 10.88 -5.05
N GLU B 308 -10.94 11.42 -6.25
CA GLU B 308 -11.72 12.52 -6.76
C GLU B 308 -12.72 12.09 -7.81
N GLY B 309 -12.75 10.80 -8.15
CA GLY B 309 -13.66 10.28 -9.15
C GLY B 309 -13.00 9.82 -10.43
N ILE B 310 -11.70 10.03 -10.59
CA ILE B 310 -11.08 9.79 -11.88
C ILE B 310 -10.32 8.46 -11.85
N HIS B 311 -10.61 7.63 -12.84
CA HIS B 311 -9.93 6.37 -13.08
C HIS B 311 -9.32 6.40 -14.48
N PHE B 312 -8.25 5.65 -14.66
CA PHE B 312 -7.53 5.62 -15.92
C PHE B 312 -7.94 4.40 -16.73
N SER B 313 -7.92 4.53 -18.06
CA SER B 313 -8.45 3.47 -18.92
C SER B 313 -7.85 3.48 -20.31
#